data_6VJE
#
_entry.id   6VJE
#
_cell.length_a   68.195
_cell.length_b   83.739
_cell.length_c   89.918
_cell.angle_alpha   90.000
_cell.angle_beta   90.000
_cell.angle_gamma   90.000
#
_symmetry.space_group_name_H-M   'P 21 21 21'
#
loop_
_entity.id
_entity.type
_entity.pdbx_description
1 polymer 'Peptidoglycan D,D-transpeptidase FtsI'
2 non-polymer '(2R)-2-[(1R)-1-{[(2Z)-2-(5-amino-1,2,4-thiadiazol-3-yl)-2-(hydroxyimino)acetyl]amino}-2-oxoethyl]-5-({2-oxo-1-[(3R)-pyr rolidin-3-yl]-2,5-dihydro-1H-pyrrol-3-yl}methyl)-3,6-dihydro-2H-1,3-thiazine-4-carboxylic acid'
3 non-polymer 'CHLORIDE ION'
4 water water
#
_entity_poly.entity_id   1
_entity_poly.type   'polypeptide(L)'
_entity_poly.pdbx_seq_one_letter_code
;MGHHHHHHARSVRHIAIPAHRGLITDRNGEPLAVSTPVTTLWANPKELMTAKERWPQLAAALGQDTKLFADRIEQNAERE
FIYLVRGLTPEQGEGVIALKVPGVYSIEEFRRFYPAGEVVAHAVGFTDVDDRGREGIELAFDEWLAGVPGKRQVLKDRRG
RVIKDVQVTKNAKPGKTLALSIDLRLQYLAHRELRNALLENGAKAGSLVIMDVKTGEILAMTNQPTYNPNNRRNLQPAAM
RNRAMIDVFEPGSTVKPFSMSAALASGRWKPSDIVDVYPGTLQIGRYTIRDVSRNSRQLDLTGILIKSSNVGISKIAFDI
GAESIYSVMQQVGLGQDTGLGFPGERVGNLPNHRKWPKAETATLAYGYGLSVTAIQLAHAYAALANDGKSVPLSMTRVDR
VPDGVQVISPEVASTVQGMLQQVVEAQGGVFRAQVPGYHAAGKSGTARKVSVGTKGYRENAYRSLFAGFAPATDPRIAMV
VVIDEPSKAGYFGGLVSAPVFSKVMAGALRLMNVPPDNLPTATEQQQVNAAPAKGGRG
;
_entity_poly.pdbx_strand_id   A
#
# COMPACT_ATOMS: atom_id res chain seq x y z
N ALA A 9 19.19 -11.46 49.66
CA ALA A 9 18.54 -10.80 50.83
C ALA A 9 17.74 -9.57 50.41
N ARG A 10 18.41 -8.65 49.74
CA ARG A 10 17.77 -7.51 49.05
C ARG A 10 18.80 -6.72 48.25
N SER A 11 18.43 -6.31 47.04
CA SER A 11 19.36 -5.68 46.09
C SER A 11 18.78 -4.40 45.49
N VAL A 12 19.64 -3.42 45.24
CA VAL A 12 19.29 -2.22 44.46
C VAL A 12 19.46 -2.54 42.97
N ARG A 13 18.39 -2.33 42.18
CA ARG A 13 18.32 -2.73 40.77
C ARG A 13 17.78 -1.60 39.88
N HIS A 14 18.31 -1.50 38.66
CA HIS A 14 17.83 -0.54 37.65
C HIS A 14 16.77 -1.19 36.74
N ILE A 15 15.69 -0.45 36.47
CA ILE A 15 14.60 -0.94 35.59
C ILE A 15 14.09 0.14 34.62
N ALA A 16 13.40 -0.31 33.58
CA ALA A 16 12.95 0.56 32.49
C ALA A 16 11.70 1.38 32.85
N ILE A 17 11.55 2.52 32.17
CA ILE A 17 10.31 3.30 32.16
C ILE A 17 9.86 3.30 30.69
N PRO A 18 8.73 2.63 30.35
CA PRO A 18 8.32 2.60 28.94
C PRO A 18 7.98 3.97 28.37
N ALA A 19 8.24 4.14 27.06
CA ALA A 19 7.99 5.40 26.35
C ALA A 19 6.62 5.40 25.67
N HIS A 20 6.03 6.58 25.55
CA HIS A 20 4.75 6.74 24.88
C HIS A 20 5.03 6.76 23.38
N ARG A 21 4.54 5.75 22.67
CA ARG A 21 4.79 5.62 21.24
C ARG A 21 4.06 6.72 20.47
N GLY A 22 4.67 7.19 19.39
CA GLY A 22 4.18 8.35 18.67
C GLY A 22 2.91 8.09 17.91
N LEU A 23 2.05 9.10 17.87
CA LEU A 23 0.82 9.08 17.11
C LEU A 23 1.10 9.03 15.60
N ILE A 24 0.42 8.14 14.89
CA ILE A 24 0.38 8.20 13.43
C ILE A 24 -0.94 8.88 13.07
N THR A 25 -0.88 9.88 12.19
CA THR A 25 -2.07 10.52 11.64
C THR A 25 -2.08 10.39 10.11
N ASP A 26 -3.21 10.73 9.51
CA ASP A 26 -3.27 10.97 8.07
C ASP A 26 -2.71 12.37 7.80
N ARG A 27 -2.73 12.78 6.55
CA ARG A 27 -2.12 14.06 6.16
C ARG A 27 -2.74 15.29 6.81
N ASN A 28 -4.00 15.20 7.20
CA ASN A 28 -4.76 16.28 7.82
C ASN A 28 -4.93 16.09 9.34
N GLY A 29 -4.14 15.20 9.94
CA GLY A 29 -4.16 14.98 11.38
C GLY A 29 -5.22 14.04 11.94
N GLU A 30 -5.94 13.31 11.08
CA GLU A 30 -6.89 12.29 11.55
C GLU A 30 -6.10 11.12 12.14
N PRO A 31 -6.47 10.64 13.34
CA PRO A 31 -5.66 9.59 13.97
C PRO A 31 -5.78 8.23 13.27
N LEU A 32 -4.64 7.60 13.01
CA LEU A 32 -4.56 6.27 12.40
C LEU A 32 -3.97 5.20 13.33
N ALA A 33 -3.09 5.60 14.24
CA ALA A 33 -2.52 4.68 15.23
C ALA A 33 -2.25 5.45 16.50
N VAL A 34 -2.93 5.04 17.59
CA VAL A 34 -2.91 5.77 18.85
C VAL A 34 -2.51 4.83 19.98
N SER A 35 -1.55 5.29 20.79
CA SER A 35 -1.14 4.58 21.99
C SER A 35 -2.10 4.95 23.10
N THR A 36 -2.82 3.95 23.60
CA THR A 36 -3.92 4.12 24.52
C THR A 36 -3.57 3.39 25.82
N PRO A 37 -3.83 4.03 26.98
CA PRO A 37 -3.55 3.35 28.24
C PRO A 37 -4.54 2.20 28.45
N VAL A 38 -4.00 1.03 28.77
CA VAL A 38 -4.80 -0.13 29.18
C VAL A 38 -4.23 -0.70 30.47
N THR A 39 -5.10 -1.24 31.30
CA THR A 39 -4.71 -1.77 32.60
C THR A 39 -4.27 -3.23 32.43
N THR A 40 -3.08 -3.53 32.94
CA THR A 40 -2.51 -4.87 32.95
C THR A 40 -2.33 -5.29 34.42
N LEU A 41 -2.65 -6.54 34.71
CA LEU A 41 -2.43 -7.14 36.03
C LEU A 41 -1.28 -8.13 35.93
N TRP A 42 -0.33 -8.02 36.85
CA TRP A 42 0.80 -8.96 36.96
C TRP A 42 0.92 -9.45 38.41
N ALA A 43 1.81 -10.43 38.63
CA ALA A 43 2.02 -11.00 39.95
C ALA A 43 3.45 -11.42 40.21
N ASN A 44 3.80 -11.47 41.49
CA ASN A 44 5.09 -11.94 41.98
C ASN A 44 4.87 -13.28 42.70
N PRO A 45 5.21 -14.41 42.02
CA PRO A 45 5.04 -15.75 42.60
C PRO A 45 5.56 -15.97 44.03
N LYS A 46 6.72 -15.41 44.36
CA LYS A 46 7.28 -15.55 45.70
C LYS A 46 6.37 -15.02 46.80
N GLU A 47 5.71 -13.88 46.52
CA GLU A 47 4.70 -13.32 47.41
C GLU A 47 3.41 -14.17 47.41
N LEU A 48 2.93 -14.53 46.21
CA LEU A 48 1.74 -15.38 46.06
C LEU A 48 1.83 -16.71 46.82
N MET A 49 3.03 -17.31 46.85
CA MET A 49 3.28 -18.55 47.58
C MET A 49 3.06 -18.47 49.11
N THR A 50 3.00 -17.27 49.67
CA THR A 50 2.66 -17.06 51.09
C THR A 50 1.16 -16.88 51.36
N ALA A 51 0.33 -16.89 50.31
CA ALA A 51 -1.10 -16.59 50.41
C ALA A 51 -1.94 -17.55 49.54
N LYS A 52 -1.65 -18.84 49.64
CA LYS A 52 -2.27 -19.85 48.77
C LYS A 52 -3.78 -19.92 48.91
N GLU A 53 -4.29 -19.63 50.11
CA GLU A 53 -5.74 -19.59 50.34
C GLU A 53 -6.47 -18.52 49.52
N ARG A 54 -5.74 -17.50 49.04
CA ARG A 54 -6.32 -16.47 48.16
C ARG A 54 -6.43 -16.93 46.69
N TRP A 55 -5.64 -17.94 46.29
CA TRP A 55 -5.50 -18.28 44.86
C TRP A 55 -6.81 -18.58 44.12
N PRO A 56 -7.75 -19.31 44.76
CA PRO A 56 -9.00 -19.66 44.05
C PRO A 56 -9.91 -18.47 43.72
N GLN A 57 -10.03 -17.50 44.64
CA GLN A 57 -10.75 -16.26 44.35
C GLN A 57 -10.05 -15.46 43.26
N LEU A 58 -8.72 -15.49 43.26
CA LEU A 58 -7.94 -14.83 42.22
C LEU A 58 -8.14 -15.53 40.85
N ALA A 59 -8.12 -16.86 40.85
CA ALA A 59 -8.40 -17.65 39.63
C ALA A 59 -9.81 -17.40 39.12
N ALA A 60 -10.79 -17.57 40.01
CA ALA A 60 -12.20 -17.34 39.68
C ALA A 60 -12.40 -15.96 39.08
N ALA A 61 -11.85 -14.94 39.73
CA ALA A 61 -11.93 -13.54 39.23
C ALA A 61 -11.31 -13.37 37.83
N LEU A 62 -10.24 -14.11 37.55
CA LEU A 62 -9.60 -14.10 36.22
C LEU A 62 -10.20 -15.11 35.22
N GLY A 63 -11.30 -15.77 35.58
CA GLY A 63 -11.93 -16.79 34.74
C GLY A 63 -11.10 -18.05 34.51
N GLN A 64 -10.18 -18.34 35.42
CA GLN A 64 -9.25 -19.46 35.26
C GLN A 64 -9.71 -20.62 36.12
N ASP A 65 -9.52 -21.83 35.64
CA ASP A 65 -9.76 -23.01 36.44
C ASP A 65 -8.76 -22.97 37.60
N THR A 66 -9.24 -23.34 38.79
CA THR A 66 -8.49 -23.24 40.02
C THR A 66 -7.20 -24.07 39.98
N LYS A 67 -7.27 -25.28 39.43
CA LYS A 67 -6.14 -26.22 39.45
C LYS A 67 -5.02 -25.77 38.52
N LEU A 68 -5.40 -25.32 37.33
CA LEU A 68 -4.44 -24.91 36.32
C LEU A 68 -3.71 -23.63 36.75
N PHE A 69 -4.45 -22.72 37.37
CA PHE A 69 -3.83 -21.54 37.98
C PHE A 69 -2.83 -21.93 39.06
N ALA A 70 -3.24 -22.82 39.97
CA ALA A 70 -2.37 -23.30 41.05
C ALA A 70 -1.08 -23.93 40.51
N ASP A 71 -1.20 -24.78 39.50
CA ASP A 71 -0.02 -25.41 38.86
C ASP A 71 0.95 -24.34 38.32
N ARG A 72 0.39 -23.36 37.60
CA ARG A 72 1.18 -22.25 37.02
C ARG A 72 2.01 -21.51 38.07
N ILE A 73 1.41 -21.24 39.24
CA ILE A 73 2.12 -20.54 40.32
C ILE A 73 3.17 -21.42 40.99
N GLU A 74 2.83 -22.70 41.25
CA GLU A 74 3.78 -23.64 41.86
C GLU A 74 5.03 -23.83 41.00
N GLN A 75 4.84 -23.96 39.69
CA GLN A 75 5.95 -24.12 38.74
C GLN A 75 6.88 -22.88 38.67
N ASN A 76 6.30 -21.70 38.89
CA ASN A 76 7.05 -20.43 38.86
C ASN A 76 7.35 -19.88 40.26
N ALA A 77 7.48 -20.76 41.26
CA ALA A 77 7.59 -20.36 42.66
C ALA A 77 8.92 -19.68 43.06
N GLU A 78 9.90 -19.69 42.14
CA GLU A 78 11.16 -18.96 42.31
C GLU A 78 11.35 -17.76 41.35
N ARG A 79 10.48 -17.63 40.35
CA ARG A 79 10.40 -16.40 39.54
C ARG A 79 9.79 -15.25 40.35
N GLU A 80 9.92 -14.03 39.83
CA GLU A 80 9.40 -12.82 40.48
C GLU A 80 8.41 -12.02 39.62
N PHE A 81 8.03 -12.56 38.46
CA PHE A 81 7.19 -11.83 37.51
C PHE A 81 6.45 -12.76 36.55
N ILE A 82 5.12 -12.61 36.49
CA ILE A 82 4.29 -13.18 35.43
C ILE A 82 3.10 -12.26 35.16
N TYR A 83 2.60 -12.28 33.93
CA TYR A 83 1.37 -11.59 33.57
C TYR A 83 0.18 -12.44 33.98
N LEU A 84 -0.84 -11.80 34.54
CA LEU A 84 -2.10 -12.47 34.84
C LEU A 84 -3.05 -12.27 33.66
N VAL A 85 -3.27 -11.01 33.30
CA VAL A 85 -4.09 -10.64 32.13
C VAL A 85 -3.78 -9.18 31.74
N ARG A 86 -3.74 -8.92 30.44
CA ARG A 86 -3.39 -7.59 29.91
C ARG A 86 -4.57 -7.00 29.13
N GLY A 87 -4.59 -5.67 29.02
CA GLY A 87 -5.59 -4.97 28.21
C GLY A 87 -6.96 -4.77 28.83
N LEU A 88 -7.03 -4.65 30.16
CA LEU A 88 -8.29 -4.39 30.87
C LEU A 88 -8.54 -2.90 31.00
N THR A 89 -9.77 -2.54 31.38
CA THR A 89 -10.11 -1.15 31.72
C THR A 89 -9.69 -0.86 33.17
N PRO A 90 -9.60 0.44 33.55
CA PRO A 90 -9.34 0.77 34.97
C PRO A 90 -10.35 0.13 35.94
N GLU A 91 -11.62 0.05 35.53
CA GLU A 91 -12.69 -0.55 36.35
C GLU A 91 -12.50 -2.05 36.55
N GLN A 92 -12.10 -2.75 35.49
CA GLN A 92 -11.77 -4.18 35.57
C GLN A 92 -10.46 -4.43 36.32
N GLY A 93 -9.42 -3.65 35.99
CA GLY A 93 -8.10 -3.79 36.59
C GLY A 93 -7.93 -3.28 38.02
N GLU A 94 -8.98 -2.65 38.57
CA GLU A 94 -9.10 -2.38 40.01
C GLU A 94 -10.02 -3.40 40.72
N GLY A 95 -10.99 -3.96 39.98
CA GLY A 95 -11.87 -5.01 40.50
C GLY A 95 -11.15 -6.23 41.05
N VAL A 96 -10.01 -6.58 40.47
CA VAL A 96 -9.14 -7.64 41.01
C VAL A 96 -8.38 -7.13 42.23
N ILE A 97 -7.90 -5.88 42.16
CA ILE A 97 -7.09 -5.26 43.23
C ILE A 97 -7.88 -5.11 44.53
N ALA A 98 -9.18 -4.83 44.42
CA ALA A 98 -10.09 -4.80 45.58
C ALA A 98 -10.05 -6.06 46.46
N LEU A 99 -9.66 -7.20 45.87
CA LEU A 99 -9.44 -8.44 46.62
C LEU A 99 -8.19 -8.40 47.53
N LYS A 100 -7.24 -7.51 47.23
CA LYS A 100 -6.04 -7.29 48.05
C LYS A 100 -5.26 -8.59 48.24
N VAL A 101 -5.01 -9.31 47.14
CA VAL A 101 -4.20 -10.52 47.19
C VAL A 101 -2.74 -10.09 47.27
N PRO A 102 -1.95 -10.68 48.21
CA PRO A 102 -0.52 -10.39 48.25
C PRO A 102 0.24 -10.83 47.01
N GLY A 103 1.04 -9.93 46.46
CA GLY A 103 1.81 -10.19 45.25
C GLY A 103 1.07 -9.97 43.94
N VAL A 104 -0.10 -9.35 43.98
CA VAL A 104 -0.91 -9.06 42.78
C VAL A 104 -0.96 -7.54 42.61
N TYR A 105 -0.67 -7.06 41.39
CA TYR A 105 -0.51 -5.63 41.10
C TYR A 105 -1.13 -5.26 39.78
N SER A 106 -1.51 -4.00 39.64
CA SER A 106 -1.97 -3.42 38.36
C SER A 106 -1.00 -2.35 37.87
N ILE A 107 -0.84 -2.25 36.54
CA ILE A 107 -0.09 -1.17 35.87
C ILE A 107 -0.89 -0.69 34.67
N GLU A 108 -0.82 0.62 34.38
CA GLU A 108 -1.24 1.15 33.08
C GLU A 108 -0.11 0.95 32.07
N GLU A 109 -0.42 0.27 30.97
CA GLU A 109 0.51 0.10 29.84
C GLU A 109 -0.04 0.85 28.63
N PHE A 110 0.81 1.07 27.64
CA PHE A 110 0.40 1.60 26.33
C PHE A 110 0.28 0.48 25.32
N ARG A 111 -0.86 0.41 24.64
CA ARG A 111 -1.01 -0.46 23.47
C ARG A 111 -1.72 0.29 22.36
N ARG A 112 -1.46 -0.15 21.13
CA ARG A 112 -2.02 0.52 19.95
C ARG A 112 -3.49 0.23 19.73
N PHE A 113 -4.23 1.28 19.36
CA PHE A 113 -5.53 1.14 18.75
C PHE A 113 -5.51 1.82 17.36
N TYR A 114 -6.20 1.21 16.39
CA TYR A 114 -6.27 1.68 15.00
C TYR A 114 -7.71 2.13 14.67
N PRO A 115 -8.01 3.43 14.81
CA PRO A 115 -9.41 3.89 14.67
C PRO A 115 -10.08 3.58 13.34
N ALA A 116 -9.32 3.57 12.24
CA ALA A 116 -9.88 3.24 10.92
C ALA A 116 -9.86 1.75 10.58
N GLY A 117 -9.24 0.93 11.44
CA GLY A 117 -9.28 -0.52 11.31
C GLY A 117 -8.78 -1.06 9.97
N GLU A 118 -9.59 -1.93 9.37
CA GLU A 118 -9.30 -2.53 8.06
C GLU A 118 -9.05 -1.57 6.89
N VAL A 119 -9.52 -0.33 7.02
CA VAL A 119 -9.49 0.62 5.90
C VAL A 119 -8.07 1.05 5.53
N VAL A 120 -7.16 1.09 6.51
CA VAL A 120 -5.76 1.51 6.27
C VAL A 120 -4.77 0.53 6.95
N ALA A 121 -5.18 -0.72 7.12
CA ALA A 121 -4.36 -1.72 7.83
C ALA A 121 -3.07 -2.05 7.09
N HIS A 122 -3.16 -2.18 5.77
CA HIS A 122 -2.00 -2.55 4.95
C HIS A 122 -0.91 -1.49 4.96
N ALA A 123 -1.30 -0.22 4.84
CA ALA A 123 -0.35 0.88 4.90
C ALA A 123 0.23 1.05 6.30
N VAL A 124 -0.64 1.17 7.30
CA VAL A 124 -0.20 1.46 8.67
C VAL A 124 0.50 0.26 9.33
N GLY A 125 0.02 -0.95 9.06
CA GLY A 125 0.55 -2.16 9.69
C GLY A 125 0.17 -2.21 11.16
N PHE A 126 1.06 -2.76 11.99
CA PHE A 126 0.76 -2.91 13.42
C PHE A 126 1.97 -3.14 14.32
N THR A 127 1.75 -2.96 15.63
CA THR A 127 2.71 -3.30 16.67
C THR A 127 2.39 -4.68 17.27
N ASP A 128 3.36 -5.25 17.99
CA ASP A 128 3.16 -6.54 18.68
CA ASP A 128 3.20 -6.54 18.69
C ASP A 128 2.75 -6.31 20.13
N VAL A 129 2.60 -7.40 20.90
CA VAL A 129 2.25 -7.31 22.34
C VAL A 129 3.19 -6.42 23.16
N ASP A 130 4.46 -6.33 22.75
CA ASP A 130 5.46 -5.47 23.39
C ASP A 130 5.49 -4.03 22.87
N ASP A 131 4.55 -3.66 22.01
CA ASP A 131 4.38 -2.30 21.49
C ASP A 131 5.49 -1.85 20.51
N ARG A 132 6.15 -2.80 19.85
CA ARG A 132 7.16 -2.48 18.85
C ARG A 132 6.64 -2.80 17.45
N GLY A 133 6.98 -1.95 16.49
CA GLY A 133 6.55 -2.09 15.10
C GLY A 133 6.88 -3.44 14.51
N ARG A 134 5.85 -4.07 13.95
CA ARG A 134 5.94 -5.41 13.36
C ARG A 134 5.60 -5.48 11.86
N GLU A 135 4.75 -4.56 11.38
CA GLU A 135 4.33 -4.52 9.97
C GLU A 135 4.12 -3.09 9.49
N GLY A 136 4.05 -2.91 8.17
CA GLY A 136 3.74 -1.63 7.56
C GLY A 136 4.57 -0.44 8.01
N ILE A 137 3.93 0.73 8.06
CA ILE A 137 4.57 1.96 8.55
C ILE A 137 5.06 1.82 10.01
N GLU A 138 4.33 1.07 10.83
CA GLU A 138 4.72 0.86 12.24
C GLU A 138 6.16 0.30 12.31
N LEU A 139 6.44 -0.67 11.45
CA LEU A 139 7.79 -1.26 11.34
C LEU A 139 8.76 -0.29 10.66
N ALA A 140 8.41 0.13 9.46
CA ALA A 140 9.26 1.03 8.65
C ALA A 140 9.74 2.26 9.42
N PHE A 141 8.86 2.86 10.22
CA PHE A 141 9.18 4.08 10.96
C PHE A 141 9.28 3.83 12.48
N ASP A 142 9.69 2.63 12.88
CA ASP A 142 9.68 2.24 14.30
C ASP A 142 10.56 3.13 15.19
N GLU A 143 11.76 3.43 14.72
CA GLU A 143 12.70 4.28 15.47
C GLU A 143 12.14 5.67 15.74
N TRP A 144 11.52 6.26 14.71
CA TRP A 144 10.84 7.55 14.82
C TRP A 144 9.70 7.48 15.85
N LEU A 145 8.88 6.44 15.72
CA LEU A 145 7.69 6.26 16.55
C LEU A 145 7.96 5.81 18.00
N ALA A 146 9.05 5.08 18.25
CA ALA A 146 9.25 4.41 19.55
C ALA A 146 9.74 5.31 20.69
N GLY A 147 10.55 6.33 20.39
CA GLY A 147 11.17 7.14 21.44
C GLY A 147 12.21 6.32 22.19
N VAL A 148 12.60 6.77 23.38
CA VAL A 148 13.58 6.03 24.20
C VAL A 148 13.02 5.77 25.62
N PRO A 149 13.09 4.50 26.08
CA PRO A 149 12.64 4.23 27.46
C PRO A 149 13.51 4.94 28.50
N GLY A 150 12.89 5.29 29.63
CA GLY A 150 13.61 5.86 30.76
C GLY A 150 14.26 4.78 31.61
N LYS A 151 14.78 5.17 32.77
CA LYS A 151 15.43 4.21 33.67
C LYS A 151 15.35 4.69 35.12
N ARG A 152 14.83 3.82 36.01
CA ARG A 152 14.72 4.10 37.45
C ARG A 152 15.51 3.08 38.24
N GLN A 153 16.12 3.55 39.33
CA GLN A 153 16.80 2.67 40.28
C GLN A 153 15.82 2.32 41.42
N VAL A 154 15.84 1.05 41.83
CA VAL A 154 14.81 0.47 42.70
C VAL A 154 15.38 -0.57 43.66
N LEU A 155 15.04 -0.46 44.96
CA LEU A 155 15.40 -1.47 45.96
C LEU A 155 14.32 -2.54 46.03
N LYS A 156 14.73 -3.80 45.87
CA LYS A 156 13.83 -4.93 45.91
C LYS A 156 14.17 -5.79 47.11
N ASP A 157 13.15 -6.21 47.87
CA ASP A 157 13.37 -7.07 49.05
C ASP A 157 13.76 -8.50 48.63
N ARG A 158 13.89 -9.40 49.61
CA ARG A 158 14.16 -10.84 49.37
C ARG A 158 13.30 -11.53 48.29
N ARG A 159 12.04 -11.11 48.16
CA ARG A 159 11.10 -11.71 47.20
C ARG A 159 11.11 -11.05 45.82
N GLY A 160 11.82 -9.92 45.68
CA GLY A 160 11.78 -9.11 44.46
C GLY A 160 10.76 -7.98 44.48
N ARG A 161 10.08 -7.78 45.62
CA ARG A 161 9.08 -6.72 45.76
C ARG A 161 9.75 -5.35 45.94
N VAL A 162 9.31 -4.37 45.15
CA VAL A 162 9.87 -3.02 45.19
C VAL A 162 9.45 -2.32 46.48
N ILE A 163 10.40 -2.16 47.40
CA ILE A 163 10.18 -1.47 48.69
C ILE A 163 10.60 0.01 48.69
N LYS A 164 11.56 0.38 47.83
CA LYS A 164 11.99 1.78 47.68
C LYS A 164 12.24 2.14 46.20
N ASP A 165 11.70 3.29 45.78
CA ASP A 165 12.08 3.95 44.52
C ASP A 165 13.21 4.93 44.85
N VAL A 166 14.45 4.48 44.69
CA VAL A 166 15.60 5.22 45.22
C VAL A 166 15.90 6.51 44.44
N GLN A 167 15.91 6.45 43.11
CA GLN A 167 16.18 7.64 42.26
C GLN A 167 16.01 7.34 40.76
N VAL A 168 15.42 8.28 40.02
CA VAL A 168 15.26 8.19 38.57
C VAL A 168 16.54 8.66 37.88
N THR A 169 17.21 7.75 37.18
CA THR A 169 18.47 8.06 36.47
C THR A 169 18.22 8.74 35.10
N LYS A 170 17.21 8.26 34.37
CA LYS A 170 16.92 8.74 33.02
C LYS A 170 15.41 8.84 32.80
N ASN A 171 14.92 10.02 32.45
CA ASN A 171 13.51 10.20 32.10
C ASN A 171 13.21 9.57 30.74
N ALA A 172 12.00 9.02 30.59
CA ALA A 172 11.53 8.51 29.29
C ALA A 172 11.31 9.67 28.34
N LYS A 173 11.51 9.42 27.04
CA LYS A 173 11.20 10.40 26.01
C LYS A 173 10.18 9.81 25.04
N PRO A 174 9.05 10.52 24.83
CA PRO A 174 8.01 9.96 23.98
C PRO A 174 8.43 9.87 22.50
N GLY A 175 7.76 9.02 21.74
CA GLY A 175 7.95 8.93 20.29
C GLY A 175 7.44 10.18 19.59
N LYS A 176 7.79 10.32 18.32
CA LYS A 176 7.41 11.49 17.52
C LYS A 176 6.16 11.20 16.72
N THR A 177 5.32 12.22 16.56
CA THR A 177 4.14 12.11 15.71
C THR A 177 4.60 11.92 14.26
N LEU A 178 3.87 11.10 13.51
CA LEU A 178 4.13 10.91 12.08
C LEU A 178 2.83 11.13 11.31
N ALA A 179 2.87 12.08 10.37
CA ALA A 179 1.75 12.36 9.48
C ALA A 179 2.00 11.70 8.13
N LEU A 180 1.11 10.78 7.76
CA LEU A 180 1.25 10.07 6.50
C LEU A 180 0.80 10.98 5.34
N SER A 181 1.14 10.56 4.13
CA SER A 181 0.68 11.22 2.90
C SER A 181 -0.79 10.90 2.62
N ILE A 182 -1.26 9.78 3.18
CA ILE A 182 -2.59 9.28 2.96
C ILE A 182 -3.63 10.32 3.40
N ASP A 183 -4.64 10.52 2.58
CA ASP A 183 -5.81 11.32 2.93
C ASP A 183 -6.92 10.35 3.29
N LEU A 184 -7.30 10.32 4.56
CA LEU A 184 -8.25 9.30 5.05
C LEU A 184 -9.57 9.30 4.28
N ARG A 185 -10.02 10.48 3.85
CA ARG A 185 -11.25 10.62 3.07
C ARG A 185 -11.14 9.88 1.71
N LEU A 186 -10.03 10.09 1.00
CA LEU A 186 -9.78 9.37 -0.24
C LEU A 186 -9.61 7.86 0.02
N GLN A 187 -8.92 7.53 1.11
CA GLN A 187 -8.67 6.13 1.51
C GLN A 187 -9.99 5.40 1.74
N TYR A 188 -10.92 6.02 2.46
CA TYR A 188 -12.26 5.41 2.70
C TYR A 188 -12.98 5.16 1.39
N LEU A 189 -13.01 6.18 0.54
CA LEU A 189 -13.65 6.10 -0.78
C LEU A 189 -13.08 4.96 -1.61
N ALA A 190 -11.76 4.94 -1.73
CA ALA A 190 -11.04 3.89 -2.45
C ALA A 190 -11.33 2.50 -1.88
N HIS A 191 -11.24 2.39 -0.56
CA HIS A 191 -11.54 1.14 0.16
C HIS A 191 -12.94 0.62 -0.20
N ARG A 192 -13.95 1.48 -0.04
CA ARG A 192 -15.33 1.08 -0.32
C ARG A 192 -15.55 0.65 -1.77
N GLU A 193 -15.00 1.42 -2.71
CA GLU A 193 -15.27 1.18 -4.13
C GLU A 193 -14.52 -0.04 -4.66
N LEU A 194 -13.30 -0.26 -4.18
CA LEU A 194 -12.55 -1.46 -4.54
C LEU A 194 -13.31 -2.71 -4.04
N ARG A 195 -13.77 -2.66 -2.78
CA ARG A 195 -14.56 -3.75 -2.19
C ARG A 195 -15.81 -4.03 -3.03
N ASN A 196 -16.59 -2.99 -3.31
CA ASN A 196 -17.80 -3.13 -4.15
C ASN A 196 -17.51 -3.67 -5.56
N ALA A 197 -16.38 -3.27 -6.13
CA ALA A 197 -15.97 -3.73 -7.46
C ALA A 197 -15.65 -5.21 -7.52
N LEU A 198 -14.98 -5.71 -6.49
CA LEU A 198 -14.69 -7.15 -6.39
C LEU A 198 -15.96 -7.99 -6.36
N LEU A 199 -16.96 -7.51 -5.63
CA LEU A 199 -18.24 -8.20 -5.51
C LEU A 199 -18.96 -8.24 -6.87
N GLU A 200 -19.10 -7.07 -7.50
CA GLU A 200 -19.83 -6.94 -8.76
C GLU A 200 -19.19 -7.73 -9.92
N ASN A 201 -17.86 -7.84 -9.91
CA ASN A 201 -17.10 -8.57 -10.94
C ASN A 201 -16.69 -9.99 -10.51
N GLY A 202 -16.98 -10.37 -9.27
CA GLY A 202 -16.70 -11.72 -8.77
C GLY A 202 -15.22 -12.01 -8.60
N ALA A 203 -14.45 -10.98 -8.26
CA ALA A 203 -12.99 -11.07 -8.26
C ALA A 203 -12.43 -11.59 -6.94
N LYS A 204 -11.20 -12.08 -7.03
CA LYS A 204 -10.49 -12.72 -5.91
C LYS A 204 -9.82 -11.69 -4.99
N ALA A 205 -9.24 -10.66 -5.59
CA ALA A 205 -8.42 -9.69 -4.87
C ALA A 205 -8.23 -8.43 -5.73
N GLY A 206 -7.57 -7.44 -5.17
CA GLY A 206 -7.30 -6.22 -5.92
C GLY A 206 -6.51 -5.19 -5.16
N SER A 207 -6.11 -4.13 -5.87
CA SER A 207 -5.39 -3.03 -5.27
C SER A 207 -5.83 -1.73 -5.92
N LEU A 208 -5.73 -0.64 -5.17
CA LEU A 208 -5.99 0.69 -5.70
C LEU A 208 -5.00 1.67 -5.10
N VAL A 209 -4.32 2.43 -5.95
CA VAL A 209 -3.33 3.43 -5.52
C VAL A 209 -3.71 4.77 -6.12
N ILE A 210 -3.69 5.82 -5.29
CA ILE A 210 -3.93 7.19 -5.74
C ILE A 210 -2.72 8.00 -5.38
N MET A 211 -2.22 8.78 -6.32
CA MET A 211 -1.03 9.59 -6.11
C MET A 211 -1.26 11.03 -6.51
N ASP A 212 -0.60 11.94 -5.78
CA ASP A 212 -0.51 13.34 -6.18
C ASP A 212 0.63 13.47 -7.18
N VAL A 213 0.32 13.91 -8.40
CA VAL A 213 1.33 13.94 -9.48
C VAL A 213 2.34 15.08 -9.27
N LYS A 214 1.95 16.09 -8.50
CA LYS A 214 2.83 17.25 -8.25
C LYS A 214 3.82 17.06 -7.08
N THR A 215 3.45 16.24 -6.10
CA THR A 215 4.22 16.13 -4.85
C THR A 215 4.85 14.77 -4.57
N GLY A 216 4.48 13.74 -5.35
CA GLY A 216 4.93 12.38 -5.12
C GLY A 216 4.21 11.64 -3.99
N GLU A 217 3.21 12.27 -3.38
CA GLU A 217 2.53 11.69 -2.21
C GLU A 217 1.58 10.57 -2.60
N ILE A 218 1.58 9.51 -1.81
CA ILE A 218 0.62 8.42 -1.95
C ILE A 218 -0.58 8.84 -1.12
N LEU A 219 -1.61 9.29 -1.80
CA LEU A 219 -2.83 9.77 -1.16
C LEU A 219 -3.77 8.65 -0.72
N ALA A 220 -3.75 7.52 -1.42
CA ALA A 220 -4.47 6.33 -0.99
C ALA A 220 -3.79 5.06 -1.45
N MET A 221 -3.87 4.02 -0.63
CA MET A 221 -3.31 2.72 -0.95
C MET A 221 -4.12 1.65 -0.20
N THR A 222 -4.94 0.92 -0.95
CA THR A 222 -5.86 -0.08 -0.39
C THR A 222 -5.77 -1.38 -1.17
N ASN A 223 -6.05 -2.48 -0.49
CA ASN A 223 -6.10 -3.77 -1.15
C ASN A 223 -7.26 -4.57 -0.58
N GLN A 224 -7.76 -5.49 -1.39
CA GLN A 224 -8.64 -6.57 -0.94
C GLN A 224 -7.94 -7.92 -1.24
N PRO A 225 -8.05 -8.91 -0.35
CA PRO A 225 -8.73 -8.80 0.95
C PRO A 225 -7.90 -8.03 1.97
N THR A 226 -8.53 -7.64 3.07
CA THR A 226 -7.86 -6.93 4.16
C THR A 226 -8.24 -7.55 5.50
N TYR A 227 -7.82 -6.93 6.60
CA TYR A 227 -8.00 -7.49 7.94
C TYR A 227 -8.17 -6.39 8.97
N ASN A 228 -8.79 -6.72 10.10
CA ASN A 228 -8.88 -5.80 11.23
C ASN A 228 -7.61 -5.93 12.06
N PRO A 229 -6.78 -4.87 12.11
CA PRO A 229 -5.56 -4.90 12.93
C PRO A 229 -5.82 -4.84 14.43
N ASN A 230 -7.03 -4.48 14.84
CA ASN A 230 -7.42 -4.48 16.25
C ASN A 230 -7.87 -5.85 16.76
N ASN A 231 -8.10 -6.80 15.85
CA ASN A 231 -8.61 -8.12 16.20
C ASN A 231 -7.92 -9.14 15.30
N ARG A 232 -6.67 -9.45 15.67
CA ARG A 232 -5.80 -10.34 14.92
C ARG A 232 -5.77 -11.76 15.48
N ARG A 233 -6.85 -12.50 15.23
CA ARG A 233 -6.92 -13.95 15.43
C ARG A 233 -7.67 -14.56 14.26
N ASN A 234 -7.33 -15.80 13.91
CA ASN A 234 -7.83 -16.47 12.69
C ASN A 234 -7.34 -15.71 11.44
N LEU A 235 -6.18 -15.05 11.57
CA LEU A 235 -5.72 -14.10 10.55
C LEU A 235 -4.97 -14.86 9.47
N GLN A 236 -5.43 -14.70 8.22
CA GLN A 236 -4.82 -15.40 7.08
C GLN A 236 -3.56 -14.64 6.64
N PRO A 237 -2.56 -15.36 6.11
CA PRO A 237 -1.38 -14.64 5.59
C PRO A 237 -1.73 -13.77 4.37
N ALA A 238 -2.59 -14.29 3.49
CA ALA A 238 -3.04 -13.61 2.28
C ALA A 238 -3.73 -12.27 2.54
N ALA A 239 -4.51 -12.20 3.62
CA ALA A 239 -5.22 -10.98 3.99
C ALA A 239 -4.30 -9.88 4.48
N MET A 240 -3.13 -10.23 5.02
CA MET A 240 -2.17 -9.26 5.55
C MET A 240 -1.26 -8.60 4.50
N ARG A 241 -1.23 -9.13 3.28
CA ARG A 241 -0.31 -8.64 2.24
CA ARG A 241 -0.29 -8.62 2.26
C ARG A 241 -0.71 -7.25 1.74
N ASN A 242 0.21 -6.28 1.81
CA ASN A 242 0.01 -4.98 1.14
C ASN A 242 0.36 -5.21 -0.32
N ARG A 243 -0.61 -5.73 -1.06
CA ARG A 243 -0.40 -6.21 -2.41
C ARG A 243 0.11 -5.13 -3.38
N ALA A 244 -0.31 -3.89 -3.15
CA ALA A 244 0.14 -2.73 -3.95
C ALA A 244 1.65 -2.49 -3.92
N MET A 245 2.32 -2.94 -2.85
CA MET A 245 3.78 -2.84 -2.74
C MET A 245 4.55 -4.17 -2.78
N ILE A 246 3.92 -5.28 -2.37
CA ILE A 246 4.66 -6.55 -2.25
C ILE A 246 4.27 -7.63 -3.26
N ASP A 247 3.23 -7.39 -4.07
CA ASP A 247 2.92 -8.29 -5.19
C ASP A 247 3.42 -7.67 -6.48
N VAL A 248 4.00 -8.52 -7.34
CA VAL A 248 4.39 -8.10 -8.69
C VAL A 248 3.46 -8.73 -9.70
N PHE A 249 3.21 -8.00 -10.79
CA PHE A 249 2.39 -8.50 -11.88
C PHE A 249 2.90 -7.95 -13.19
N GLU A 250 2.49 -8.59 -14.29
CA GLU A 250 2.80 -8.07 -15.61
C GLU A 250 1.85 -6.91 -15.94
N PRO A 251 2.41 -5.72 -16.25
CA PRO A 251 1.58 -4.54 -16.50
C PRO A 251 0.86 -4.55 -17.85
N GLY A 252 1.35 -5.34 -18.80
CA GLY A 252 0.68 -5.50 -20.08
C GLY A 252 0.50 -4.18 -20.77
N SER A 253 -0.72 -3.94 -21.27
CA SER A 253 -0.96 -2.81 -22.17
C SER A 253 -0.88 -1.44 -21.53
N THR A 254 -0.91 -1.39 -20.20
CA THR A 254 -0.71 -0.14 -19.46
C THR A 254 0.68 0.48 -19.62
N VAL A 255 1.66 -0.27 -20.14
CA VAL A 255 2.96 0.33 -20.49
C VAL A 255 3.01 0.93 -21.90
N LYS A 256 1.98 0.71 -22.73
CA LYS A 256 2.00 1.22 -24.11
C LYS A 256 2.21 2.74 -24.23
N PRO A 257 1.69 3.53 -23.28
CA PRO A 257 1.97 4.97 -23.38
C PRO A 257 3.45 5.34 -23.26
N PHE A 258 4.23 4.49 -22.59
CA PHE A 258 5.69 4.70 -22.50
C PHE A 258 6.39 4.30 -23.78
N SER A 259 5.95 3.21 -24.41
CA SER A 259 6.41 2.86 -25.76
C SER A 259 6.12 3.99 -26.76
N MET A 260 4.93 4.59 -26.63
CA MET A 260 4.52 5.68 -27.49
C MET A 260 5.36 6.93 -27.24
N SER A 261 5.74 7.18 -25.98
CA SER A 261 6.60 8.31 -25.63
C SER A 261 7.96 8.20 -26.33
N ALA A 262 8.55 7.02 -26.28
CA ALA A 262 9.77 6.73 -27.03
C ALA A 262 9.58 6.97 -28.53
N ALA A 263 8.44 6.56 -29.07
CA ALA A 263 8.16 6.73 -30.49
C ALA A 263 8.11 8.19 -30.88
N LEU A 264 7.38 9.00 -30.09
CA LEU A 264 7.23 10.41 -30.37
C LEU A 264 8.54 11.17 -30.14
N ALA A 265 9.36 10.70 -29.19
CA ALA A 265 10.66 11.32 -28.91
C ALA A 265 11.73 11.00 -29.96
N SER A 266 11.53 9.94 -30.75
CA SER A 266 12.53 9.49 -31.72
C SER A 266 12.72 10.43 -32.92
N GLY A 267 11.72 11.27 -33.21
CA GLY A 267 11.67 12.07 -34.44
C GLY A 267 11.00 11.38 -35.62
N ARG A 268 10.62 10.10 -35.46
CA ARG A 268 10.12 9.26 -36.56
C ARG A 268 8.61 9.09 -36.57
N TRP A 269 7.92 9.54 -35.51
CA TRP A 269 6.49 9.28 -35.36
C TRP A 269 5.72 10.49 -34.87
N LYS A 270 4.54 10.68 -35.44
CA LYS A 270 3.55 11.65 -34.96
C LYS A 270 2.22 10.91 -34.78
N PRO A 271 1.33 11.44 -33.92
CA PRO A 271 0.05 10.77 -33.63
C PRO A 271 -0.75 10.36 -34.87
N SER A 272 -0.74 11.19 -35.91
CA SER A 272 -1.51 10.92 -37.13
C SER A 272 -0.86 9.90 -38.10
N ASP A 273 0.37 9.46 -37.80
CA ASP A 273 0.97 8.41 -38.61
C ASP A 273 0.20 7.10 -38.51
N ILE A 274 0.34 6.31 -39.56
CA ILE A 274 -0.44 5.09 -39.77
C ILE A 274 0.46 3.86 -39.62
N VAL A 275 -0.08 2.79 -39.03
CA VAL A 275 0.55 1.46 -39.00
C VAL A 275 -0.48 0.45 -39.52
N ASP A 276 -0.04 -0.45 -40.40
CA ASP A 276 -0.88 -1.52 -40.93
C ASP A 276 -0.74 -2.76 -40.03
N VAL A 277 -1.83 -3.13 -39.36
CA VAL A 277 -1.84 -4.26 -38.41
C VAL A 277 -2.60 -5.48 -38.94
N TYR A 278 -3.01 -5.46 -40.20
CA TYR A 278 -3.70 -6.61 -40.82
C TYR A 278 -2.71 -7.79 -40.91
N PRO A 279 -3.10 -9.04 -40.64
CA PRO A 279 -4.47 -9.48 -40.34
C PRO A 279 -4.78 -9.64 -38.83
N GLY A 280 -4.17 -8.81 -37.98
CA GLY A 280 -4.38 -8.92 -36.55
C GLY A 280 -3.45 -9.90 -35.86
N THR A 281 -2.47 -10.40 -36.60
CA THR A 281 -1.43 -11.27 -36.06
C THR A 281 -0.13 -10.90 -36.72
N LEU A 282 0.97 -11.25 -36.08
CA LEU A 282 2.30 -11.06 -36.63
C LEU A 282 3.23 -12.15 -36.11
N GLN A 283 3.83 -12.91 -37.02
CA GLN A 283 4.78 -13.97 -36.67
C GLN A 283 6.18 -13.40 -36.48
N ILE A 284 6.85 -13.79 -35.40
CA ILE A 284 8.29 -13.58 -35.22
C ILE A 284 8.89 -14.95 -34.88
N GLY A 285 9.36 -15.66 -35.90
CA GLY A 285 9.86 -17.02 -35.73
C GLY A 285 8.77 -17.94 -35.23
N ARG A 286 8.96 -18.48 -34.03
CA ARG A 286 7.99 -19.37 -33.39
C ARG A 286 6.85 -18.60 -32.71
N TYR A 287 7.13 -17.39 -32.23
CA TYR A 287 6.15 -16.59 -31.50
C TYR A 287 5.19 -15.89 -32.46
N THR A 288 3.93 -15.75 -32.03
CA THR A 288 2.91 -15.07 -32.82
C THR A 288 2.22 -14.02 -31.97
N ILE A 289 2.43 -12.75 -32.33
CA ILE A 289 1.79 -11.62 -31.67
C ILE A 289 0.36 -11.58 -32.18
N ARG A 290 -0.61 -11.49 -31.27
CA ARG A 290 -2.02 -11.62 -31.60
C ARG A 290 -2.83 -10.51 -30.94
N ASP A 291 -3.59 -9.78 -31.76
CA ASP A 291 -4.45 -8.71 -31.26
C ASP A 291 -5.79 -9.26 -30.75
N VAL A 292 -6.34 -8.57 -29.75
CA VAL A 292 -7.67 -8.90 -29.21
C VAL A 292 -8.75 -8.73 -30.28
N SER A 293 -8.66 -7.66 -31.06
CA SER A 293 -9.59 -7.39 -32.15
C SER A 293 -8.78 -7.43 -33.43
N ARG A 294 -9.28 -8.17 -34.43
CA ARG A 294 -8.50 -8.48 -35.62
C ARG A 294 -9.27 -8.19 -36.93
N ASN A 295 -9.98 -7.06 -36.95
CA ASN A 295 -10.60 -6.53 -38.18
C ASN A 295 -10.07 -5.13 -38.54
N SER A 296 -8.77 -4.95 -38.38
CA SER A 296 -8.13 -3.69 -38.71
C SER A 296 -7.03 -3.87 -39.73
N ARG A 297 -6.81 -2.81 -40.49
CA ARG A 297 -5.67 -2.70 -41.37
C ARG A 297 -4.88 -1.49 -40.92
N GLN A 298 -5.13 -0.31 -41.48
CA GLN A 298 -4.44 0.91 -41.05
C GLN A 298 -5.05 1.45 -39.77
N LEU A 299 -4.20 1.73 -38.78
CA LEU A 299 -4.61 2.41 -37.56
C LEU A 299 -3.62 3.56 -37.34
N ASP A 300 -4.10 4.70 -36.88
CA ASP A 300 -3.19 5.74 -36.41
C ASP A 300 -2.73 5.45 -34.97
N LEU A 301 -1.80 6.24 -34.45
CA LEU A 301 -1.16 5.91 -33.17
C LEU A 301 -2.17 5.94 -32.01
N THR A 302 -3.11 6.88 -32.03
CA THR A 302 -4.19 6.88 -31.06
C THR A 302 -5.10 5.65 -31.21
N GLY A 303 -5.41 5.26 -32.45
CA GLY A 303 -6.19 4.04 -32.72
C GLY A 303 -5.55 2.76 -32.18
N ILE A 304 -4.23 2.66 -32.32
CA ILE A 304 -3.46 1.54 -31.74
C ILE A 304 -3.70 1.42 -30.22
N LEU A 305 -3.72 2.56 -29.52
CA LEU A 305 -4.00 2.55 -28.08
C LEU A 305 -5.48 2.29 -27.78
N ILE A 306 -6.39 2.88 -28.58
CA ILE A 306 -7.84 2.62 -28.41
C ILE A 306 -8.19 1.13 -28.59
N LYS A 307 -7.71 0.54 -29.67
CA LYS A 307 -7.91 -0.87 -29.98
C LYS A 307 -7.00 -1.77 -29.13
N SER A 308 -5.98 -1.18 -28.51
CA SER A 308 -4.95 -1.89 -27.75
C SER A 308 -4.32 -2.98 -28.64
N SER A 309 -3.91 -2.57 -29.84
CA SER A 309 -3.27 -3.47 -30.80
C SER A 309 -1.82 -3.74 -30.38
N ASN A 310 -1.55 -4.99 -30.03
CA ASN A 310 -0.19 -5.45 -29.76
C ASN A 310 0.67 -5.45 -31.03
N VAL A 311 0.07 -5.80 -32.16
CA VAL A 311 0.79 -5.81 -33.43
C VAL A 311 1.26 -4.39 -33.79
N GLY A 312 0.36 -3.41 -33.64
CA GLY A 312 0.69 -2.03 -33.94
C GLY A 312 1.86 -1.48 -33.15
N ILE A 313 1.84 -1.68 -31.83
CA ILE A 313 2.90 -1.17 -30.96
C ILE A 313 4.20 -1.93 -31.21
N SER A 314 4.10 -3.21 -31.58
CA SER A 314 5.27 -4.02 -31.92
C SER A 314 5.98 -3.50 -33.16
N LYS A 315 5.22 -3.11 -34.18
CA LYS A 315 5.81 -2.58 -35.42
C LYS A 315 6.49 -1.24 -35.20
N ILE A 316 5.91 -0.41 -34.34
CA ILE A 316 6.53 0.86 -33.94
C ILE A 316 7.85 0.54 -33.22
N ALA A 317 7.81 -0.43 -32.31
CA ALA A 317 8.99 -0.85 -31.55
C ALA A 317 10.15 -1.32 -32.43
N PHE A 318 9.86 -2.08 -33.49
CA PHE A 318 10.89 -2.49 -34.45
C PHE A 318 11.54 -1.29 -35.13
N ASP A 319 10.72 -0.29 -35.48
CA ASP A 319 11.17 0.90 -36.17
C ASP A 319 12.09 1.78 -35.32
N ILE A 320 11.72 1.98 -34.05
CA ILE A 320 12.47 2.88 -33.15
C ILE A 320 13.51 2.15 -32.30
N GLY A 321 13.38 0.84 -32.14
CA GLY A 321 14.35 0.04 -31.39
C GLY A 321 13.97 -0.07 -29.92
N ALA A 322 14.14 -1.27 -29.37
CA ALA A 322 13.79 -1.54 -27.98
C ALA A 322 14.52 -0.67 -26.97
N GLU A 323 15.73 -0.25 -27.30
CA GLU A 323 16.57 0.52 -26.37
C GLU A 323 15.93 1.82 -25.93
N SER A 324 15.30 2.53 -26.87
CA SER A 324 14.61 3.77 -26.55
C SER A 324 13.42 3.53 -25.59
N ILE A 325 12.75 2.39 -25.77
CA ILE A 325 11.56 2.03 -25.00
C ILE A 325 11.95 1.63 -23.59
N TYR A 326 12.95 0.74 -23.49
CA TYR A 326 13.52 0.34 -22.20
C TYR A 326 13.89 1.55 -21.37
N SER A 327 14.58 2.51 -22.00
CA SER A 327 15.03 3.72 -21.33
C SER A 327 13.88 4.53 -20.74
N VAL A 328 12.79 4.70 -21.50
CA VAL A 328 11.62 5.42 -20.98
C VAL A 328 11.07 4.67 -19.76
N MET A 329 10.92 3.35 -19.89
CA MET A 329 10.35 2.56 -18.80
C MET A 329 11.23 2.56 -17.55
N GLN A 330 12.54 2.48 -17.75
CA GLN A 330 13.52 2.59 -16.67
C GLN A 330 13.44 3.94 -15.97
N GLN A 331 13.42 5.01 -16.76
CA GLN A 331 13.40 6.38 -16.25
CA GLN A 331 13.42 6.37 -16.23
C GLN A 331 12.14 6.70 -15.46
N VAL A 332 11.00 6.15 -15.90
CA VAL A 332 9.74 6.37 -15.15
C VAL A 332 9.61 5.44 -13.93
N GLY A 333 10.52 4.47 -13.78
CA GLY A 333 10.68 3.70 -12.55
C GLY A 333 10.11 2.29 -12.56
N LEU A 334 9.65 1.82 -13.73
CA LEU A 334 9.08 0.46 -13.83
C LEU A 334 10.18 -0.55 -13.60
N GLY A 335 9.96 -1.48 -12.68
CA GLY A 335 11.00 -2.44 -12.30
C GLY A 335 12.21 -1.86 -11.58
N GLN A 336 12.05 -0.66 -11.00
CA GLN A 336 13.12 0.03 -10.30
C GLN A 336 12.73 0.26 -8.83
N ASP A 337 13.72 0.31 -7.96
CA ASP A 337 13.48 0.51 -6.53
C ASP A 337 12.88 1.89 -6.26
N THR A 338 11.78 1.94 -5.50
CA THR A 338 11.05 3.17 -5.22
C THR A 338 11.74 4.02 -4.16
N GLY A 339 12.55 3.38 -3.30
CA GLY A 339 13.18 4.05 -2.18
C GLY A 339 12.28 4.31 -0.99
N LEU A 340 11.09 3.71 -0.95
CA LEU A 340 10.17 3.91 0.17
C LEU A 340 10.54 3.07 1.39
N GLY A 341 11.19 1.93 1.17
CA GLY A 341 11.66 1.09 2.26
C GLY A 341 10.52 0.43 3.02
N PHE A 342 9.43 0.10 2.33
CA PHE A 342 8.29 -0.55 2.96
C PHE A 342 8.67 -2.03 3.13
N PRO A 343 8.30 -2.65 4.27
CA PRO A 343 8.67 -4.05 4.49
C PRO A 343 8.12 -4.98 3.41
N GLY A 344 8.99 -5.81 2.84
CA GLY A 344 8.60 -6.74 1.80
C GLY A 344 8.34 -6.11 0.43
N GLU A 345 8.64 -4.82 0.28
CA GLU A 345 8.36 -4.13 -0.98
C GLU A 345 9.21 -4.76 -2.08
N ARG A 346 8.57 -5.07 -3.19
CA ARG A 346 9.23 -5.70 -4.34
C ARG A 346 9.65 -4.65 -5.36
N VAL A 347 10.75 -4.93 -6.06
CA VAL A 347 11.27 -4.09 -7.14
C VAL A 347 10.75 -4.53 -8.51
N GLY A 348 10.44 -5.83 -8.67
CA GLY A 348 10.00 -6.37 -9.95
C GLY A 348 11.17 -6.54 -10.90
N ASN A 349 10.90 -6.41 -12.20
CA ASN A 349 11.92 -6.67 -13.21
C ASN A 349 11.56 -6.10 -14.59
N LEU A 350 12.35 -5.14 -15.02
CA LEU A 350 12.36 -4.65 -16.38
C LEU A 350 13.58 -5.29 -17.07
N PRO A 351 13.35 -6.32 -17.89
CA PRO A 351 14.51 -7.04 -18.45
C PRO A 351 15.31 -6.13 -19.38
N ASN A 352 16.64 -6.32 -19.41
CA ASN A 352 17.49 -5.55 -20.30
C ASN A 352 18.31 -6.49 -21.17
N HIS A 353 18.75 -5.96 -22.31
CA HIS A 353 19.64 -6.69 -23.22
C HIS A 353 20.77 -5.78 -23.69
N ARG A 354 21.91 -6.40 -23.99
CA ARG A 354 23.02 -5.69 -24.64
C ARG A 354 22.61 -5.42 -26.09
N LYS A 355 22.06 -6.45 -26.73
CA LYS A 355 21.46 -6.37 -28.06
C LYS A 355 20.06 -6.99 -27.99
N TRP A 356 19.04 -6.19 -28.30
CA TRP A 356 17.65 -6.64 -28.21
C TRP A 356 17.23 -7.47 -29.43
N PRO A 357 16.76 -8.72 -29.22
CA PRO A 357 16.17 -9.47 -30.32
C PRO A 357 14.79 -8.95 -30.72
N LYS A 358 14.25 -9.43 -31.83
CA LYS A 358 12.99 -8.93 -32.39
C LYS A 358 11.81 -9.29 -31.50
N ALA A 359 11.71 -10.57 -31.11
CA ALA A 359 10.61 -11.04 -30.27
C ALA A 359 10.53 -10.26 -28.95
N GLU A 360 11.67 -10.11 -28.27
CA GLU A 360 11.74 -9.37 -26.99
C GLU A 360 11.45 -7.88 -27.15
N THR A 361 11.82 -7.32 -28.30
CA THR A 361 11.50 -5.92 -28.64
C THR A 361 9.99 -5.73 -28.64
N ALA A 362 9.27 -6.64 -29.30
CA ALA A 362 7.80 -6.58 -29.36
C ALA A 362 7.15 -6.75 -27.99
N THR A 363 7.55 -7.79 -27.26
CA THR A 363 6.92 -8.10 -25.98
C THR A 363 7.16 -7.01 -24.91
N LEU A 364 8.35 -6.42 -24.92
CA LEU A 364 8.64 -5.24 -24.08
C LEU A 364 7.62 -4.13 -24.35
N ALA A 365 7.38 -3.84 -25.63
CA ALA A 365 6.53 -2.74 -26.05
C ALA A 365 5.07 -2.84 -25.60
N TYR A 366 4.53 -4.06 -25.48
CA TYR A 366 3.19 -4.24 -24.90
C TYR A 366 3.17 -4.82 -23.47
N GLY A 367 4.30 -4.75 -22.76
CA GLY A 367 4.35 -5.07 -21.33
C GLY A 367 4.22 -6.54 -20.94
N TYR A 368 4.58 -7.40 -21.89
CA TYR A 368 4.59 -8.86 -21.69
C TYR A 368 6.00 -9.23 -21.25
N GLY A 369 6.09 -10.13 -20.27
CA GLY A 369 7.38 -10.51 -19.67
C GLY A 369 8.07 -9.45 -18.82
N LEU A 370 7.33 -8.45 -18.36
CA LEU A 370 7.82 -7.41 -17.44
C LEU A 370 7.10 -7.59 -16.12
N SER A 371 7.71 -7.13 -15.03
CA SER A 371 7.16 -7.32 -13.70
C SER A 371 7.22 -6.01 -12.91
N VAL A 372 6.06 -5.52 -12.45
CA VAL A 372 5.97 -4.27 -11.68
C VAL A 372 5.02 -4.42 -10.49
N THR A 373 5.07 -3.43 -9.59
CA THR A 373 4.11 -3.30 -8.50
C THR A 373 3.11 -2.22 -8.88
N ALA A 374 1.98 -2.20 -8.19
CA ALA A 374 0.96 -1.17 -8.44
C ALA A 374 1.49 0.25 -8.13
N ILE A 375 2.28 0.39 -7.07
CA ILE A 375 2.91 1.69 -6.71
C ILE A 375 3.84 2.17 -7.83
N GLN A 376 4.66 1.28 -8.39
CA GLN A 376 5.50 1.65 -9.54
C GLN A 376 4.68 2.15 -10.73
N LEU A 377 3.64 1.40 -11.06
CA LEU A 377 2.80 1.77 -12.21
C LEU A 377 2.15 3.15 -11.98
N ALA A 378 1.66 3.38 -10.76
CA ALA A 378 1.04 4.68 -10.41
C ALA A 378 2.07 5.81 -10.52
N HIS A 379 3.28 5.55 -10.02
CA HIS A 379 4.38 6.51 -10.08
C HIS A 379 4.79 6.87 -11.52
N ALA A 380 4.76 5.86 -12.39
CA ALA A 380 5.09 6.06 -13.80
C ALA A 380 4.03 6.94 -14.47
N TYR A 381 2.76 6.65 -14.20
CA TYR A 381 1.67 7.51 -14.69
C TYR A 381 1.70 8.92 -14.10
N ALA A 382 2.12 9.05 -12.83
CA ALA A 382 2.28 10.38 -12.23
C ALA A 382 3.33 11.23 -12.97
N ALA A 383 4.45 10.60 -13.36
CA ALA A 383 5.46 11.27 -14.19
C ALA A 383 4.91 11.79 -15.52
N LEU A 384 4.17 10.92 -16.19
CA LEU A 384 3.54 11.27 -17.45
C LEU A 384 2.54 12.43 -17.27
N ALA A 385 1.74 12.34 -16.21
CA ALA A 385 0.71 13.34 -15.90
C ALA A 385 1.34 14.69 -15.54
N ASN A 386 2.50 14.64 -14.90
CA ASN A 386 3.21 15.85 -14.41
C ASN A 386 4.14 16.38 -15.49
N ASP A 387 3.59 16.51 -16.71
CA ASP A 387 4.32 16.92 -17.91
C ASP A 387 5.72 16.31 -18.04
N GLY A 388 5.82 15.01 -17.77
CA GLY A 388 7.08 14.28 -17.94
C GLY A 388 8.09 14.32 -16.80
N LYS A 389 7.76 15.00 -15.70
CA LYS A 389 8.66 15.13 -14.57
C LYS A 389 8.28 14.20 -13.41
N SER A 390 9.21 13.35 -13.00
CA SER A 390 9.01 12.43 -11.89
C SER A 390 9.42 13.03 -10.55
N VAL A 391 8.46 13.19 -9.65
CA VAL A 391 8.71 13.63 -8.27
C VAL A 391 8.84 12.36 -7.42
N PRO A 392 9.89 12.29 -6.56
CA PRO A 392 10.12 11.08 -5.74
C PRO A 392 8.92 10.73 -4.86
N LEU A 393 8.67 9.43 -4.70
CA LEU A 393 7.56 8.92 -3.91
C LEU A 393 7.67 9.21 -2.41
N SER A 394 6.54 9.43 -1.77
CA SER A 394 6.49 9.61 -0.32
C SER A 394 5.26 8.95 0.28
N MET A 395 5.46 8.27 1.42
CA MET A 395 4.36 7.75 2.24
CA MET A 395 4.38 7.73 2.25
C MET A 395 4.05 8.68 3.41
N THR A 396 4.82 9.77 3.53
CA THR A 396 4.61 10.76 4.57
C THR A 396 4.23 12.08 3.95
N ARG A 397 3.55 12.93 4.71
CA ARG A 397 3.13 14.25 4.22
C ARG A 397 4.34 15.04 3.75
N VAL A 398 4.24 15.63 2.56
CA VAL A 398 5.32 16.39 1.94
C VAL A 398 4.94 17.85 2.04
N ASP A 399 5.68 18.61 2.85
CA ASP A 399 5.47 20.06 2.99
C ASP A 399 6.36 20.83 2.02
N ARG A 400 7.62 20.39 1.91
CA ARG A 400 8.59 20.96 0.98
C ARG A 400 8.88 19.92 -0.09
N VAL A 401 8.40 20.17 -1.31
CA VAL A 401 8.44 19.17 -2.37
C VAL A 401 9.85 19.10 -2.93
N PRO A 402 10.42 17.88 -3.00
CA PRO A 402 11.75 17.76 -3.59
C PRO A 402 11.72 18.00 -5.10
N ASP A 403 12.84 18.42 -5.66
CA ASP A 403 12.99 18.60 -7.10
C ASP A 403 12.65 17.28 -7.81
N GLY A 404 11.90 17.38 -8.90
CA GLY A 404 11.63 16.24 -9.78
C GLY A 404 12.73 16.07 -10.80
N VAL A 405 12.74 14.92 -11.47
CA VAL A 405 13.64 14.67 -12.60
C VAL A 405 12.81 14.65 -13.87
N GLN A 406 13.21 15.45 -14.86
CA GLN A 406 12.54 15.46 -16.17
C GLN A 406 12.89 14.18 -16.92
N VAL A 407 11.93 13.26 -17.00
CA VAL A 407 12.17 11.92 -17.57
C VAL A 407 11.61 11.74 -18.98
N ILE A 408 10.52 12.44 -19.30
CA ILE A 408 9.99 12.55 -20.66
C ILE A 408 9.93 14.03 -20.96
N SER A 409 10.20 14.43 -22.20
CA SER A 409 10.15 15.86 -22.56
C SER A 409 8.70 16.35 -22.41
N PRO A 410 8.50 17.59 -21.89
CA PRO A 410 7.16 18.14 -21.68
C PRO A 410 6.21 18.06 -22.88
N GLU A 411 6.71 18.35 -24.08
CA GLU A 411 5.87 18.28 -25.28
C GLU A 411 5.42 16.85 -25.58
N VAL A 412 6.35 15.89 -25.50
CA VAL A 412 6.01 14.48 -25.70
C VAL A 412 5.00 14.03 -24.63
N ALA A 413 5.24 14.40 -23.37
CA ALA A 413 4.31 14.08 -22.29
C ALA A 413 2.91 14.66 -22.56
N SER A 414 2.87 15.92 -22.97
N SER A 414 2.85 15.91 -22.98
CA SER A 414 1.63 16.60 -23.34
CA SER A 414 1.57 16.55 -23.31
C SER A 414 0.88 15.89 -24.48
C SER A 414 0.87 15.86 -24.49
N THR A 415 1.63 15.45 -25.51
CA THR A 415 1.04 14.74 -26.67
C THR A 415 0.46 13.38 -26.26
N VAL A 416 1.20 12.63 -25.46
CA VAL A 416 0.71 11.34 -24.97
C VAL A 416 -0.51 11.51 -24.04
N GLN A 417 -0.48 12.54 -23.19
CA GLN A 417 -1.64 12.86 -22.35
C GLN A 417 -2.90 13.05 -23.17
N GLY A 418 -2.76 13.81 -24.25
CA GLY A 418 -3.85 14.05 -25.21
C GLY A 418 -4.34 12.77 -25.85
N MET A 419 -3.41 11.90 -26.21
CA MET A 419 -3.79 10.60 -26.78
C MET A 419 -4.56 9.75 -25.77
N LEU A 420 -4.14 9.77 -24.50
CA LEU A 420 -4.82 9.01 -23.45
C LEU A 420 -6.19 9.61 -23.09
N GLN A 421 -6.35 10.92 -23.26
CA GLN A 421 -7.68 11.52 -23.13
C GLN A 421 -8.61 10.95 -24.21
N GLN A 422 -8.09 10.83 -25.43
CA GLN A 422 -8.86 10.23 -26.53
C GLN A 422 -9.16 8.75 -26.32
N VAL A 423 -8.22 8.00 -25.74
CA VAL A 423 -8.48 6.62 -25.33
C VAL A 423 -9.75 6.50 -24.47
N VAL A 424 -9.96 7.48 -23.59
CA VAL A 424 -11.12 7.52 -22.69
C VAL A 424 -12.37 8.13 -23.35
N GLU A 425 -12.20 9.17 -24.17
CA GLU A 425 -13.32 9.98 -24.68
C GLU A 425 -13.74 9.72 -26.14
N ALA A 426 -12.87 9.14 -26.96
CA ALA A 426 -13.13 9.03 -28.40
C ALA A 426 -14.01 7.84 -28.73
N GLN A 427 -14.55 7.85 -29.95
CA GLN A 427 -15.38 6.75 -30.48
C GLN A 427 -14.68 5.42 -30.29
N GLY A 428 -15.37 4.48 -29.64
CA GLY A 428 -14.84 3.14 -29.39
C GLY A 428 -13.85 3.03 -28.25
N GLY A 429 -13.72 4.08 -27.44
CA GLY A 429 -12.74 4.13 -26.36
C GLY A 429 -13.24 3.51 -25.08
N VAL A 430 -12.54 3.78 -23.98
CA VAL A 430 -12.86 3.24 -22.66
C VAL A 430 -13.84 4.20 -21.96
N PHE A 431 -15.05 4.27 -22.52
CA PHE A 431 -16.05 5.26 -22.13
C PHE A 431 -16.43 5.20 -20.64
N ARG A 432 -16.39 4.00 -20.05
CA ARG A 432 -16.68 3.84 -18.63
C ARG A 432 -15.62 4.43 -17.68
N ALA A 433 -14.43 4.76 -18.16
CA ALA A 433 -13.44 5.50 -17.36
C ALA A 433 -13.72 7.00 -17.26
N GLN A 434 -14.66 7.51 -18.07
CA GLN A 434 -15.00 8.94 -18.05
C GLN A 434 -15.46 9.39 -16.66
N VAL A 435 -14.99 10.56 -16.26
CA VAL A 435 -15.25 11.13 -14.94
C VAL A 435 -16.21 12.29 -15.13
N PRO A 436 -17.44 12.18 -14.57
CA PRO A 436 -18.42 13.27 -14.75
C PRO A 436 -17.87 14.65 -14.39
N GLY A 437 -17.98 15.59 -15.32
CA GLY A 437 -17.55 16.97 -15.10
C GLY A 437 -16.09 17.27 -15.41
N TYR A 438 -15.30 16.22 -15.67
CA TYR A 438 -13.86 16.37 -15.94
C TYR A 438 -13.48 15.66 -17.22
N HIS A 439 -12.32 16.04 -17.74
CA HIS A 439 -11.68 15.28 -18.79
C HIS A 439 -10.70 14.36 -18.08
N ALA A 440 -10.72 13.08 -18.42
CA ALA A 440 -9.79 12.10 -17.85
C ALA A 440 -9.06 11.36 -18.95
N ALA A 441 -7.94 10.76 -18.58
CA ALA A 441 -7.06 10.10 -19.51
C ALA A 441 -6.52 8.83 -18.88
N GLY A 442 -6.32 7.79 -19.67
CA GLY A 442 -5.78 6.54 -19.17
C GLY A 442 -5.73 5.44 -20.20
N LYS A 443 -5.35 4.25 -19.73
CA LYS A 443 -5.12 3.09 -20.59
C LYS A 443 -5.50 1.82 -19.85
N SER A 444 -6.22 0.94 -20.54
CA SER A 444 -6.66 -0.32 -19.97
C SER A 444 -5.57 -1.37 -20.19
N GLY A 445 -5.58 -2.39 -19.36
CA GLY A 445 -4.73 -3.56 -19.56
C GLY A 445 -5.44 -4.82 -19.09
N THR A 446 -5.16 -5.92 -19.78
CA THR A 446 -5.65 -7.24 -19.40
C THR A 446 -4.45 -8.18 -19.51
N ALA A 447 -4.12 -8.86 -18.42
CA ALA A 447 -2.90 -9.66 -18.34
C ALA A 447 -3.22 -11.12 -18.02
N ARG A 448 -2.79 -12.04 -18.88
CA ARG A 448 -2.83 -13.49 -18.60
C ARG A 448 -1.89 -13.85 -17.45
N LYS A 449 -2.31 -14.81 -16.63
CA LYS A 449 -1.50 -15.31 -15.51
C LYS A 449 -1.12 -16.77 -15.74
N VAL A 450 0.18 -17.07 -15.68
CA VAL A 450 0.69 -18.44 -15.78
C VAL A 450 2.12 -18.54 -15.24
N ASN A 460 -7.45 -18.41 -19.08
CA ASN A 460 -8.48 -18.74 -18.08
C ASN A 460 -8.47 -17.80 -16.87
N ALA A 461 -7.28 -17.44 -16.38
CA ALA A 461 -7.10 -16.54 -15.22
C ALA A 461 -6.43 -15.23 -15.62
N TYR A 462 -7.05 -14.09 -15.26
CA TYR A 462 -6.63 -12.76 -15.72
C TYR A 462 -6.51 -11.73 -14.60
N ARG A 463 -5.78 -10.65 -14.90
CA ARG A 463 -5.79 -9.41 -14.10
C ARG A 463 -6.34 -8.32 -14.99
N SER A 464 -7.31 -7.55 -14.48
CA SER A 464 -7.83 -6.38 -15.19
C SER A 464 -7.16 -5.15 -14.56
N LEU A 465 -6.73 -4.24 -15.42
CA LEU A 465 -5.96 -3.07 -15.02
C LEU A 465 -6.48 -1.84 -15.70
N PHE A 466 -6.50 -0.72 -14.95
CA PHE A 466 -6.64 0.60 -15.56
C PHE A 466 -5.69 1.56 -14.85
N ALA A 467 -4.97 2.35 -15.62
CA ALA A 467 -4.09 3.38 -15.07
C ALA A 467 -4.42 4.69 -15.77
N GLY A 468 -4.52 5.77 -15.00
CA GLY A 468 -4.86 7.04 -15.61
C GLY A 468 -4.66 8.21 -14.69
N PHE A 469 -5.10 9.36 -15.16
CA PHE A 469 -4.95 10.60 -14.42
C PHE A 469 -6.00 11.61 -14.85
N ALA A 470 -6.14 12.64 -14.03
CA ALA A 470 -7.11 13.71 -14.26
C ALA A 470 -6.79 14.91 -13.37
N PRO A 471 -7.33 16.09 -13.68
CA PRO A 471 -8.03 16.40 -14.92
C PRO A 471 -7.05 16.39 -16.11
N ALA A 472 -7.49 15.85 -17.25
CA ALA A 472 -6.63 15.64 -18.42
C ALA A 472 -5.87 16.87 -18.86
N THR A 473 -6.50 18.04 -18.75
CA THR A 473 -5.93 19.31 -19.22
C THR A 473 -5.06 20.04 -18.20
N ASP A 474 -5.15 19.66 -16.92
CA ASP A 474 -4.26 20.18 -15.87
C ASP A 474 -4.08 19.13 -14.74
N PRO A 475 -3.31 18.05 -15.01
CA PRO A 475 -3.35 16.87 -14.14
C PRO A 475 -2.94 17.08 -12.67
N ARG A 476 -3.72 16.48 -11.80
CA ARG A 476 -3.54 16.55 -10.35
C ARG A 476 -3.35 15.19 -9.68
N ILE A 477 -4.08 14.18 -10.15
CA ILE A 477 -4.17 12.88 -9.48
C ILE A 477 -3.88 11.77 -10.50
N ALA A 478 -3.04 10.80 -10.12
CA ALA A 478 -2.87 9.57 -10.91
C ALA A 478 -3.44 8.41 -10.11
N MET A 479 -3.93 7.41 -10.81
CA MET A 479 -4.60 6.28 -10.20
C MET A 479 -4.35 4.99 -10.96
N VAL A 480 -4.17 3.90 -10.21
CA VAL A 480 -4.06 2.56 -10.74
C VAL A 480 -5.09 1.70 -10.00
N VAL A 481 -5.89 0.97 -10.78
CA VAL A 481 -6.84 -0.02 -10.28
C VAL A 481 -6.37 -1.37 -10.83
N VAL A 482 -6.24 -2.35 -9.93
CA VAL A 482 -5.87 -3.72 -10.28
C VAL A 482 -6.94 -4.64 -9.70
N ILE A 483 -7.60 -5.42 -10.55
CA ILE A 483 -8.60 -6.38 -10.11
C ILE A 483 -8.10 -7.77 -10.53
N ASP A 484 -7.91 -8.63 -9.54
CA ASP A 484 -7.27 -9.93 -9.72
C ASP A 484 -8.34 -11.00 -9.96
N GLU A 485 -8.33 -11.58 -11.15
CA GLU A 485 -9.23 -12.68 -11.54
C GLU A 485 -10.73 -12.38 -11.43
N PRO A 486 -11.25 -11.43 -12.24
CA PRO A 486 -12.70 -11.22 -12.33
C PRO A 486 -13.36 -12.38 -13.09
N SER A 487 -14.67 -12.58 -12.91
CA SER A 487 -15.36 -13.80 -13.41
C SER A 487 -16.16 -13.63 -14.72
N LYS A 488 -15.78 -12.65 -15.54
CA LYS A 488 -16.47 -12.37 -16.81
C LYS A 488 -15.94 -13.32 -17.90
N ALA A 489 -16.84 -13.98 -18.64
CA ALA A 489 -16.44 -14.93 -19.68
C ALA A 489 -15.86 -14.25 -20.92
N GLY A 490 -16.57 -13.25 -21.44
CA GLY A 490 -16.19 -12.59 -22.70
C GLY A 490 -15.10 -11.55 -22.50
N TYR A 491 -15.09 -10.54 -23.37
CA TYR A 491 -14.10 -9.47 -23.29
C TYR A 491 -14.41 -8.56 -22.11
N PHE A 492 -13.39 -8.15 -21.37
CA PHE A 492 -13.57 -7.22 -20.23
C PHE A 492 -14.08 -5.87 -20.71
N GLY A 493 -13.60 -5.46 -21.89
CA GLY A 493 -14.21 -4.38 -22.69
C GLY A 493 -14.42 -3.05 -22.00
N GLY A 494 -13.50 -2.69 -21.12
CA GLY A 494 -13.59 -1.44 -20.37
C GLY A 494 -14.70 -1.41 -19.33
N LEU A 495 -15.14 -2.58 -18.85
CA LEU A 495 -16.25 -2.67 -17.89
C LEU A 495 -15.88 -3.25 -16.50
N VAL A 496 -14.59 -3.57 -16.29
CA VAL A 496 -14.11 -4.21 -15.05
C VAL A 496 -13.35 -3.23 -14.12
N SER A 497 -12.16 -2.78 -14.53
CA SER A 497 -11.35 -1.85 -13.72
C SER A 497 -11.65 -0.36 -14.01
N ALA A 498 -12.12 -0.06 -15.22
CA ALA A 498 -12.37 1.33 -15.65
C ALA A 498 -13.49 2.06 -14.90
N PRO A 499 -14.62 1.38 -14.60
CA PRO A 499 -15.65 2.07 -13.80
C PRO A 499 -15.22 2.39 -12.36
N VAL A 500 -14.27 1.62 -11.82
CA VAL A 500 -13.74 1.86 -10.47
C VAL A 500 -12.90 3.15 -10.50
N PHE A 501 -12.09 3.30 -11.54
CA PHE A 501 -11.35 4.54 -11.81
C PHE A 501 -12.31 5.73 -11.85
N SER A 502 -13.40 5.59 -12.61
CA SER A 502 -14.36 6.69 -12.76
C SER A 502 -14.89 7.15 -11.41
N LYS A 503 -15.41 6.20 -10.63
CA LYS A 503 -16.02 6.51 -9.33
C LYS A 503 -15.04 7.09 -8.33
N VAL A 504 -13.85 6.49 -8.22
CA VAL A 504 -12.87 6.93 -7.21
C VAL A 504 -12.22 8.26 -7.63
N MET A 505 -11.90 8.41 -8.91
CA MET A 505 -11.40 9.68 -9.45
C MET A 505 -12.41 10.82 -9.25
N ALA A 506 -13.68 10.56 -9.56
CA ALA A 506 -14.74 11.56 -9.34
C ALA A 506 -14.73 12.07 -7.89
N GLY A 507 -14.75 11.12 -6.95
CA GLY A 507 -14.76 11.44 -5.54
C GLY A 507 -13.50 12.14 -5.06
N ALA A 508 -12.34 11.68 -5.52
CA ALA A 508 -11.06 12.26 -5.14
C ALA A 508 -10.93 13.73 -5.59
N LEU A 509 -11.31 14.00 -6.83
CA LEU A 509 -11.25 15.36 -7.38
C LEU A 509 -12.18 16.32 -6.61
N ARG A 510 -13.36 15.82 -6.26
CA ARG A 510 -14.33 16.61 -5.47
C ARG A 510 -13.79 16.90 -4.06
N LEU A 511 -13.28 15.87 -3.38
CA LEU A 511 -12.72 16.03 -2.03
C LEU A 511 -11.52 16.96 -1.97
N MET A 512 -10.75 17.03 -3.05
CA MET A 512 -9.62 17.94 -3.15
C MET A 512 -9.95 19.29 -3.80
N ASN A 513 -11.23 19.55 -4.06
CA ASN A 513 -11.70 20.84 -4.61
C ASN A 513 -11.00 21.24 -5.90
N VAL A 514 -10.83 20.26 -6.79
CA VAL A 514 -10.19 20.46 -8.07
C VAL A 514 -11.26 20.97 -9.02
N PRO A 515 -11.03 22.13 -9.68
CA PRO A 515 -12.08 22.70 -10.57
C PRO A 515 -12.42 21.78 -11.75
N PRO A 516 -13.72 21.51 -12.00
CA PRO A 516 -14.11 20.77 -13.19
C PRO A 516 -13.59 21.43 -14.48
N ASP A 517 -13.04 20.62 -15.39
CA ASP A 517 -12.55 21.13 -16.69
C ASP A 517 -13.39 20.69 -17.89
N ASN A 518 -14.51 19.98 -17.63
CA ASN A 518 -15.42 19.56 -18.69
C ASN A 518 -16.83 20.05 -18.34
N LEU A 519 -16.97 21.37 -18.28
CA LEU A 519 -18.24 22.02 -17.94
C LEU A 519 -19.18 22.03 -19.14
#